data_1EX9
#
_entry.id   1EX9
#
_cell.length_a   45.470
_cell.length_b   50.963
_cell.length_c   110.034
_cell.angle_alpha   90.00
_cell.angle_beta   90.00
_cell.angle_gamma   90.00
#
_symmetry.space_group_name_H-M   'P 21 21 21'
#
loop_
_entity.id
_entity.type
_entity.pdbx_description
1 polymer 'LACTONIZING LIPASE'
2 non-polymer 'CALCIUM ION'
3 non-polymer 'OCTYL-PHOSPHINIC ACID 1,2-BIS-OCTYLCARBAMOYLOXY-ETHYL ESTER'
4 water water
#
_entity_poly.entity_id   1
_entity_poly.type   'polypeptide(L)'
_entity_poly.pdbx_seq_one_letter_code
;STYTQTKYPIVLAHGMLGFDNILGVDYWFGIPSALRRDGAQVYVTEVSQLDTSEVRGEQLLQQVEEIVALSGQPKVNLIG
HSHGGPTIRYVAAVRPDLIASATSVGAPHKGSDTADFLRQIPPGSAGEAVLSGLVNSLGALISFLSSGSTGTQNSLGSLE
SLNSEGAARFNAKYPQGIPTSACGEGAYKVNGVSYYSWSGSSPLTNFLDPSDAFLGASSLTFKNGTANDGLVGTCSSHLG
MVIRDNYRMNHLDEVNQVFGLTSLFETSPVSVYRQHANRLKNASL
;
_entity_poly.pdbx_strand_id   A
#
loop_
_chem_comp.id
_chem_comp.type
_chem_comp.name
_chem_comp.formula
CA non-polymer 'CALCIUM ION' 'Ca 2'
OCP non-polymer 'OCTYL-PHOSPHINIC ACID 1,2-BIS-OCTYLCARBAMOYLOXY-ETHYL ESTER' 'C29 H59 N2 O7 P'
#
# COMPACT_ATOMS: atom_id res chain seq x y z
N SER A 1 5.65 16.97 20.52
CA SER A 1 5.74 15.80 21.44
C SER A 1 6.68 14.70 20.93
N THR A 2 6.63 13.55 21.59
CA THR A 2 7.43 12.37 21.25
C THR A 2 6.48 11.20 20.89
N TYR A 3 5.19 11.51 20.81
CA TYR A 3 4.12 10.55 20.53
C TYR A 3 4.35 9.65 19.32
N THR A 4 4.98 10.18 18.28
CA THR A 4 5.24 9.40 17.07
C THR A 4 6.72 9.15 16.87
N GLN A 5 7.52 9.32 17.93
CA GLN A 5 8.96 9.10 17.83
C GLN A 5 9.36 7.63 17.99
N THR A 6 9.62 7.03 16.83
CA THR A 6 10.00 5.62 16.73
C THR A 6 11.52 5.58 16.71
N LYS A 7 12.05 4.52 17.26
CA LYS A 7 13.50 4.29 17.33
C LYS A 7 14.06 4.16 15.92
N TYR A 8 13.32 3.42 15.09
CA TYR A 8 13.67 3.17 13.70
C TYR A 8 12.83 4.07 12.78
N PRO A 9 13.41 4.58 11.67
CA PRO A 9 12.67 5.46 10.74
C PRO A 9 11.46 4.82 10.05
N ILE A 10 10.44 5.64 9.80
CA ILE A 10 9.23 5.19 9.11
C ILE A 10 9.43 5.39 7.61
N VAL A 11 9.30 4.31 6.86
CA VAL A 11 9.48 4.35 5.42
C VAL A 11 8.14 4.05 4.74
N LEU A 12 7.65 5.05 4.02
CA LEU A 12 6.38 4.99 3.31
C LEU A 12 6.54 4.52 1.86
N ALA A 13 5.82 3.44 1.51
CA ALA A 13 5.85 2.86 0.16
C ALA A 13 4.47 2.89 -0.50
N HIS A 14 4.38 3.66 -1.58
CA HIS A 14 3.14 3.84 -2.35
C HIS A 14 2.64 2.63 -3.15
N GLY A 15 1.41 2.73 -3.65
CA GLY A 15 0.81 1.68 -4.43
C GLY A 15 0.98 1.86 -5.92
N MET A 16 0.13 1.16 -6.67
CA MET A 16 0.07 1.18 -8.14
C MET A 16 -0.34 2.61 -8.58
N LEU A 17 0.30 3.09 -9.64
CA LEU A 17 0.07 4.46 -10.18
C LEU A 17 0.33 5.50 -9.07
N GLY A 18 1.23 5.13 -8.18
CA GLY A 18 1.54 5.97 -7.01
C GLY A 18 2.80 6.77 -7.27
N PHE A 19 3.13 7.64 -6.31
CA PHE A 19 4.29 8.53 -6.36
C PHE A 19 4.66 8.96 -4.94
N ASP A 20 5.69 9.78 -4.82
CA ASP A 20 6.00 10.42 -3.52
C ASP A 20 5.39 11.82 -3.29
N ASN A 21 5.49 12.66 -4.30
CA ASN A 21 5.25 14.10 -4.33
C ASN A 21 5.30 14.64 -5.76
N ILE A 22 4.20 15.30 -6.12
CA ILE A 22 4.05 15.96 -7.42
C ILE A 22 3.76 17.44 -7.20
N LEU A 23 4.78 18.23 -7.47
CA LEU A 23 4.75 19.71 -7.38
C LEU A 23 4.14 20.24 -6.06
N GLY A 24 4.47 19.59 -4.95
CA GLY A 24 4.00 20.04 -3.62
C GLY A 24 2.93 19.12 -3.05
N VAL A 25 2.22 18.43 -3.92
CA VAL A 25 1.13 17.51 -3.52
C VAL A 25 1.68 16.11 -3.18
N ASP A 26 1.47 15.74 -1.92
CA ASP A 26 1.92 14.43 -1.40
C ASP A 26 0.88 13.34 -1.70
N TYR A 27 1.40 12.14 -1.90
CA TYR A 27 0.56 10.93 -2.14
C TYR A 27 -0.10 10.60 -0.80
N TRP A 28 0.73 10.71 0.23
CA TRP A 28 0.32 10.54 1.61
C TRP A 28 -0.03 11.94 2.15
N PHE A 29 -1.21 12.40 1.79
CA PHE A 29 -1.66 13.77 2.12
C PHE A 29 -1.75 14.02 3.63
N GLY A 30 -0.84 14.91 4.03
CA GLY A 30 -0.68 15.42 5.40
C GLY A 30 -0.21 14.35 6.39
N ILE A 31 0.31 13.25 5.85
CA ILE A 31 0.75 12.14 6.72
C ILE A 31 2.24 12.31 7.11
N PRO A 32 3.22 12.52 6.20
CA PRO A 32 4.61 12.72 6.64
C PRO A 32 4.76 13.89 7.60
N SER A 33 4.01 14.95 7.36
CA SER A 33 4.06 16.17 8.21
C SER A 33 3.57 15.88 9.64
N ALA A 34 2.46 15.17 9.72
CA ALA A 34 1.81 14.83 11.00
C ALA A 34 2.63 13.82 11.81
N LEU A 35 3.36 12.97 11.08
CA LEU A 35 4.21 11.95 11.72
C LEU A 35 5.50 12.61 12.22
N ARG A 36 6.04 13.52 11.42
CA ARG A 36 7.30 14.22 11.74
C ARG A 36 7.11 15.20 12.92
N ARG A 37 5.90 15.74 13.00
CA ARG A 37 5.54 16.72 14.03
C ARG A 37 5.89 16.23 15.44
N ASP A 38 5.57 14.97 15.70
CA ASP A 38 5.79 14.42 17.05
C ASP A 38 6.98 13.44 17.13
N GLY A 39 8.00 13.67 16.29
CA GLY A 39 9.31 12.96 16.43
C GLY A 39 9.70 11.91 15.37
N ALA A 40 8.80 11.46 14.54
CA ALA A 40 9.15 10.39 13.57
C ALA A 40 10.07 10.88 12.43
N GLN A 41 11.00 10.02 12.09
CA GLN A 41 11.88 10.22 10.92
C GLN A 41 11.17 9.54 9.77
N VAL A 42 10.67 10.33 8.84
CA VAL A 42 9.91 9.76 7.73
C VAL A 42 10.64 9.93 6.40
N TYR A 43 10.67 8.81 5.70
CA TYR A 43 11.25 8.71 4.37
C TYR A 43 10.15 8.23 3.43
N VAL A 44 9.84 9.07 2.46
CA VAL A 44 8.84 8.75 1.44
C VAL A 44 9.58 8.28 0.20
N THR A 45 9.39 7.03 -0.13
CA THR A 45 10.09 6.42 -1.27
C THR A 45 9.23 6.46 -2.53
N GLU A 46 9.94 6.40 -3.63
CA GLU A 46 9.33 6.33 -4.95
C GLU A 46 9.82 5.07 -5.63
N VAL A 47 8.85 4.28 -6.01
CA VAL A 47 9.06 3.01 -6.65
C VAL A 47 8.32 3.05 -8.00
N SER A 48 8.60 2.07 -8.85
CA SER A 48 7.97 1.98 -10.18
C SER A 48 6.44 1.93 -10.03
N GLN A 49 5.79 2.83 -10.76
CA GLN A 49 4.31 2.96 -10.74
C GLN A 49 3.62 1.66 -11.14
N LEU A 50 4.09 1.11 -12.24
CA LEU A 50 3.51 -0.11 -12.81
C LEU A 50 4.58 -1.17 -13.15
N ASP A 51 4.58 -2.21 -12.35
CA ASP A 51 5.44 -3.39 -12.51
C ASP A 51 5.06 -4.44 -11.46
N THR A 52 5.80 -5.53 -11.46
CA THR A 52 5.55 -6.63 -10.51
C THR A 52 6.01 -6.23 -9.11
N SER A 53 5.52 -7.00 -8.15
CA SER A 53 5.82 -6.77 -6.73
C SER A 53 7.30 -7.00 -6.42
N GLU A 54 7.90 -7.92 -7.17
CA GLU A 54 9.31 -8.30 -7.00
C GLU A 54 10.25 -7.18 -7.49
N VAL A 55 9.91 -6.60 -8.63
CA VAL A 55 10.70 -5.52 -9.23
C VAL A 55 10.61 -4.28 -8.35
N ARG A 56 9.38 -3.98 -7.94
CA ARG A 56 9.08 -2.83 -7.08
C ARG A 56 9.75 -3.02 -5.71
N GLY A 57 9.70 -4.26 -5.25
CA GLY A 57 10.29 -4.65 -3.95
C GLY A 57 11.82 -4.48 -3.97
N GLU A 58 12.40 -4.84 -5.10
CA GLU A 58 13.85 -4.78 -5.31
C GLU A 58 14.32 -3.31 -5.35
N GLN A 59 13.44 -2.44 -5.84
CA GLN A 59 13.73 -1.00 -5.94
C GLN A 59 13.68 -0.37 -4.55
N LEU A 60 12.69 -0.81 -3.79
CA LEU A 60 12.47 -0.34 -2.41
C LEU A 60 13.63 -0.83 -1.52
N LEU A 61 14.10 -2.04 -1.82
CA LEU A 61 15.20 -2.68 -1.08
C LEU A 61 16.47 -1.80 -1.19
N GLN A 62 16.77 -1.40 -2.42
CA GLN A 62 17.95 -0.56 -2.71
C GLN A 62 17.86 0.76 -1.93
N GLN A 63 16.65 1.30 -1.86
CA GLN A 63 16.38 2.58 -1.18
C GLN A 63 16.47 2.41 0.34
N VAL A 64 16.00 1.26 0.82
CA VAL A 64 16.02 0.95 2.26
C VAL A 64 17.47 0.74 2.71
N GLU A 65 18.25 0.12 1.84
CA GLU A 65 19.67 -0.15 2.11
C GLU A 65 20.44 1.18 2.14
N GLU A 66 19.95 2.13 1.37
CA GLU A 66 20.53 3.47 1.26
C GLU A 66 20.17 4.29 2.52
N ILE A 67 18.98 4.05 3.04
CA ILE A 67 18.49 4.76 4.24
C ILE A 67 19.22 4.23 5.48
N VAL A 68 19.43 2.92 5.50
CA VAL A 68 20.12 2.26 6.62
C VAL A 68 21.60 2.62 6.64
N ALA A 69 22.19 2.55 5.46
CA ALA A 69 23.61 2.80 5.30
C ALA A 69 23.90 4.28 5.02
N LEU A 70 23.20 5.16 5.71
CA LEU A 70 23.41 6.60 5.51
C LEU A 70 22.98 7.39 6.74
N SER A 71 21.92 6.90 7.36
CA SER A 71 21.33 7.53 8.55
C SER A 71 21.91 6.93 9.83
N GLY A 72 22.53 5.77 9.67
CA GLY A 72 23.20 5.07 10.79
C GLY A 72 22.20 4.30 11.66
N GLN A 73 21.05 4.00 11.08
CA GLN A 73 20.00 3.22 11.77
C GLN A 73 19.97 1.80 11.19
N PRO A 74 20.08 0.74 12.02
CA PRO A 74 20.14 -0.65 11.56
C PRO A 74 18.89 -1.14 10.84
N LYS A 75 17.73 -0.85 11.44
CA LYS A 75 16.43 -1.31 10.89
C LYS A 75 15.51 -0.11 10.57
N VAL A 76 14.43 -0.39 9.84
CA VAL A 76 13.41 0.63 9.48
C VAL A 76 12.00 0.04 9.57
N ASN A 77 11.03 0.92 9.74
CA ASN A 77 9.62 0.54 9.82
C ASN A 77 8.93 0.83 8.49
N LEU A 78 8.58 -0.23 7.81
CA LEU A 78 7.94 -0.14 6.50
C LEU A 78 6.42 -0.05 6.63
N ILE A 79 5.86 0.88 5.89
CA ILE A 79 4.41 1.07 5.79
C ILE A 79 4.07 1.24 4.31
N GLY A 80 3.28 0.31 3.81
CA GLY A 80 2.90 0.28 2.39
C GLY A 80 1.39 0.30 2.19
N HIS A 81 0.99 1.08 1.20
CA HIS A 81 -0.42 1.21 0.82
C HIS A 81 -0.65 0.52 -0.53
N SER A 82 -1.72 -0.24 -0.55
CA SER A 82 -2.19 -1.00 -1.74
C SER A 82 -1.11 -1.96 -2.24
N HIS A 83 -0.56 -1.67 -3.42
CA HIS A 83 0.51 -2.52 -4.00
C HIS A 83 1.76 -2.39 -3.14
N GLY A 84 1.76 -1.36 -2.32
CA GLY A 84 2.86 -1.08 -1.38
C GLY A 84 2.96 -2.22 -0.36
N GLY A 85 1.84 -2.91 -0.22
CA GLY A 85 1.73 -4.06 0.69
C GLY A 85 2.68 -5.18 0.25
N PRO A 86 2.39 -5.92 -0.83
CA PRO A 86 3.31 -6.95 -1.31
C PRO A 86 4.71 -6.41 -1.61
N THR A 87 4.84 -5.13 -1.86
CA THR A 87 6.17 -4.52 -2.16
C THR A 87 7.05 -4.48 -0.89
N ILE A 88 6.45 -4.13 0.26
CA ILE A 88 7.21 -4.06 1.52
C ILE A 88 7.50 -5.48 2.06
N ARG A 89 6.66 -6.41 1.64
CA ARG A 89 6.77 -7.82 2.07
C ARG A 89 7.98 -8.50 1.40
N TYR A 90 8.26 -8.09 0.17
CA TYR A 90 9.44 -8.62 -0.57
C TYR A 90 10.69 -8.26 0.23
N VAL A 91 10.78 -6.99 0.61
CA VAL A 91 11.89 -6.43 1.37
C VAL A 91 12.04 -7.08 2.75
N ALA A 92 10.91 -7.34 3.39
CA ALA A 92 10.90 -7.96 4.71
C ALA A 92 11.19 -9.46 4.67
N ALA A 93 10.86 -10.10 3.56
CA ALA A 93 11.09 -11.52 3.39
C ALA A 93 12.54 -11.85 3.03
N VAL A 94 13.11 -11.12 2.06
CA VAL A 94 14.49 -11.36 1.63
C VAL A 94 15.53 -10.74 2.57
N ARG A 95 15.22 -9.57 3.12
CA ARG A 95 16.13 -8.91 4.07
C ARG A 95 15.44 -8.54 5.40
N PRO A 96 15.10 -9.56 6.25
CA PRO A 96 14.45 -9.31 7.54
C PRO A 96 15.34 -8.67 8.61
N ASP A 97 16.65 -8.73 8.39
CA ASP A 97 17.66 -8.16 9.28
C ASP A 97 17.60 -6.64 9.29
N LEU A 98 17.13 -6.06 8.18
CA LEU A 98 17.03 -4.61 8.02
C LEU A 98 15.64 -4.05 8.27
N ILE A 99 14.66 -4.91 8.54
CA ILE A 99 13.27 -4.48 8.76
C ILE A 99 12.77 -4.81 10.17
N ALA A 100 12.23 -3.79 10.85
CA ALA A 100 11.70 -3.96 12.19
C ALA A 100 10.22 -4.31 12.15
N SER A 101 9.52 -3.74 11.17
CA SER A 101 8.10 -3.98 10.98
C SER A 101 7.62 -3.71 9.56
N ALA A 102 6.59 -4.45 9.16
CA ALA A 102 5.98 -4.29 7.85
C ALA A 102 4.47 -4.19 8.04
N THR A 103 3.95 -2.98 7.82
CA THR A 103 2.52 -2.69 7.97
C THR A 103 1.85 -2.39 6.64
N SER A 104 0.76 -3.10 6.33
CA SER A 104 0.01 -2.90 5.09
C SER A 104 -1.33 -2.18 5.25
N VAL A 105 -1.57 -1.18 4.41
CA VAL A 105 -2.79 -0.38 4.44
C VAL A 105 -3.55 -0.58 3.12
N GLY A 106 -4.70 -1.27 3.21
CA GLY A 106 -5.54 -1.54 2.04
C GLY A 106 -4.85 -2.31 0.93
N ALA A 107 -4.06 -3.31 1.34
CA ALA A 107 -3.28 -4.13 0.42
C ALA A 107 -3.92 -5.45 0.00
N PRO A 108 -4.11 -5.61 -1.33
CA PRO A 108 -4.62 -6.84 -1.92
C PRO A 108 -3.62 -7.95 -1.88
N HIS A 109 -3.38 -8.54 -0.72
CA HIS A 109 -2.38 -9.62 -0.60
C HIS A 109 -2.87 -10.89 -1.29
N LYS A 110 -4.18 -11.14 -1.19
CA LYS A 110 -4.80 -12.32 -1.80
C LYS A 110 -5.60 -11.96 -3.06
N GLY A 111 -5.28 -10.79 -3.61
CA GLY A 111 -5.92 -10.29 -4.81
C GLY A 111 -7.03 -9.27 -4.66
N SER A 112 -7.27 -8.58 -5.78
CA SER A 112 -8.32 -7.57 -5.91
C SER A 112 -9.34 -8.14 -6.88
N ASP A 113 -10.64 -8.01 -6.55
CA ASP A 113 -11.69 -8.50 -7.43
C ASP A 113 -11.80 -7.65 -8.69
N THR A 114 -11.31 -6.41 -8.59
CA THR A 114 -11.31 -5.47 -9.72
C THR A 114 -10.26 -5.89 -10.74
N ALA A 115 -9.14 -6.41 -10.22
CA ALA A 115 -8.05 -6.90 -11.06
C ALA A 115 -8.48 -8.21 -11.69
N ASP A 116 -9.22 -9.04 -10.92
CA ASP A 116 -9.78 -10.32 -11.38
C ASP A 116 -10.83 -10.07 -12.47
N PHE A 117 -11.56 -8.97 -12.34
CA PHE A 117 -12.59 -8.56 -13.29
C PHE A 117 -11.93 -8.26 -14.65
N LEU A 118 -10.77 -7.61 -14.61
CA LEU A 118 -10.02 -7.26 -15.83
C LEU A 118 -9.43 -8.46 -16.59
N ARG A 119 -9.49 -9.65 -15.99
CA ARG A 119 -9.00 -10.89 -16.62
C ARG A 119 -9.95 -11.38 -17.71
N GLN A 120 -11.13 -10.74 -17.78
CA GLN A 120 -12.16 -11.01 -18.78
C GLN A 120 -11.67 -10.59 -20.16
N ILE A 121 -10.70 -9.66 -20.17
CA ILE A 121 -10.07 -9.18 -21.41
C ILE A 121 -9.16 -10.34 -21.86
N PRO A 122 -9.40 -10.90 -23.08
CA PRO A 122 -8.62 -12.01 -23.62
C PRO A 122 -7.12 -11.69 -23.80
N PRO A 123 -6.22 -12.61 -23.32
CA PRO A 123 -4.77 -12.39 -23.46
C PRO A 123 -4.33 -12.21 -24.91
N GLY A 124 -3.47 -11.21 -25.12
CA GLY A 124 -2.97 -10.91 -26.44
C GLY A 124 -3.89 -10.19 -27.40
N SER A 125 -5.09 -9.84 -26.94
CA SER A 125 -6.09 -9.14 -27.74
C SER A 125 -5.80 -7.66 -27.96
N ALA A 126 -6.64 -7.03 -28.78
CA ALA A 126 -6.55 -5.61 -29.09
C ALA A 126 -6.90 -4.81 -27.83
N GLY A 127 -7.90 -5.29 -27.11
CA GLY A 127 -8.35 -4.66 -25.87
C GLY A 127 -7.29 -4.61 -24.79
N GLU A 128 -6.47 -5.66 -24.72
CA GLU A 128 -5.38 -5.75 -23.76
C GLU A 128 -4.28 -4.76 -24.12
N ALA A 129 -3.96 -4.71 -25.42
CA ALA A 129 -2.94 -3.82 -25.95
C ALA A 129 -3.28 -2.34 -25.71
N VAL A 130 -4.56 -1.98 -25.85
CA VAL A 130 -4.97 -0.59 -25.63
C VAL A 130 -5.15 -0.24 -24.14
N LEU A 131 -5.57 -1.20 -23.33
CA LEU A 131 -5.76 -0.98 -21.87
C LEU A 131 -4.38 -0.82 -21.20
N SER A 132 -3.45 -1.72 -21.56
CA SER A 132 -2.10 -1.69 -21.01
C SER A 132 -1.35 -0.45 -21.49
N GLY A 133 -1.49 -0.14 -22.78
CA GLY A 133 -0.84 1.03 -23.35
C GLY A 133 -1.30 2.32 -22.72
N LEU A 134 -2.59 2.37 -22.38
CA LEU A 134 -3.22 3.54 -21.76
C LEU A 134 -2.84 3.72 -20.29
N VAL A 135 -2.84 2.62 -19.53
CA VAL A 135 -2.46 2.67 -18.11
C VAL A 135 -0.95 2.96 -18.02
N ASN A 136 -0.19 2.43 -18.98
CA ASN A 136 1.26 2.64 -19.06
C ASN A 136 1.56 4.12 -19.31
N SER A 137 0.67 4.77 -20.08
CA SER A 137 0.78 6.19 -20.41
C SER A 137 0.55 7.03 -19.18
N LEU A 138 -0.45 6.63 -18.38
CA LEU A 138 -0.81 7.32 -17.15
C LEU A 138 0.32 7.19 -16.11
N GLY A 139 0.90 5.99 -16.03
CA GLY A 139 2.01 5.72 -15.11
C GLY A 139 3.22 6.52 -15.52
N ALA A 140 3.44 6.62 -16.83
CA ALA A 140 4.55 7.37 -17.44
C ALA A 140 4.42 8.86 -17.13
N LEU A 141 3.17 9.35 -17.15
CA LEU A 141 2.86 10.75 -16.85
C LEU A 141 3.10 11.05 -15.38
N ILE A 142 2.68 10.12 -14.52
CA ILE A 142 2.84 10.26 -13.07
C ILE A 142 4.32 10.25 -12.70
N SER A 143 5.09 9.43 -13.41
CA SER A 143 6.52 9.30 -13.19
C SER A 143 7.26 10.56 -13.61
N PHE A 144 6.85 11.15 -14.74
CA PHE A 144 7.47 12.38 -15.23
C PHE A 144 7.17 13.56 -14.31
N LEU A 145 5.91 13.73 -13.90
CA LEU A 145 5.49 14.84 -13.03
C LEU A 145 6.03 14.76 -11.61
N SER A 146 6.55 13.58 -11.27
CA SER A 146 7.10 13.30 -9.95
C SER A 146 8.59 13.15 -9.87
N SER A 147 9.17 12.56 -10.85
CA SER A 147 10.58 12.33 -10.78
C SER A 147 11.36 13.02 -11.94
N GLY A 148 10.71 13.21 -13.08
CA GLY A 148 11.32 13.89 -14.27
C GLY A 148 11.72 12.89 -15.36
N SER A 149 11.27 11.66 -15.19
CA SER A 149 11.54 10.55 -16.15
C SER A 149 10.28 9.73 -16.34
N THR A 150 10.16 9.14 -17.53
CA THR A 150 9.05 8.27 -17.92
C THR A 150 9.03 6.98 -17.09
N GLY A 151 10.22 6.48 -16.75
CA GLY A 151 10.35 5.23 -15.99
C GLY A 151 10.02 4.05 -16.87
N THR A 152 10.02 2.84 -16.31
CA THR A 152 9.65 1.66 -17.10
C THR A 152 8.28 1.23 -16.59
N GLN A 153 7.34 1.29 -17.51
CA GLN A 153 5.95 0.97 -17.22
C GLN A 153 5.46 -0.36 -17.80
N ASN A 154 5.04 -1.22 -16.88
CA ASN A 154 4.57 -2.57 -17.16
C ASN A 154 3.26 -2.83 -16.37
N SER A 155 2.14 -2.38 -16.93
CA SER A 155 0.84 -2.55 -16.30
C SER A 155 0.33 -3.99 -16.26
N LEU A 156 0.79 -4.81 -17.21
CA LEU A 156 0.42 -6.23 -17.27
C LEU A 156 1.04 -6.96 -16.09
N GLY A 157 2.19 -6.45 -15.65
CA GLY A 157 2.90 -7.00 -14.50
C GLY A 157 2.27 -6.57 -13.20
N SER A 158 1.65 -5.37 -13.18
CA SER A 158 0.96 -4.84 -12.00
C SER A 158 -0.29 -5.65 -11.79
N LEU A 159 -1.08 -5.75 -12.85
CA LEU A 159 -2.34 -6.50 -12.84
C LEU A 159 -2.18 -7.99 -12.51
N GLU A 160 -1.05 -8.57 -12.90
CA GLU A 160 -0.77 -9.99 -12.62
C GLU A 160 -0.46 -10.18 -11.14
N SER A 161 0.24 -9.21 -10.55
CA SER A 161 0.60 -9.23 -9.13
C SER A 161 -0.60 -8.89 -8.23
N LEU A 162 -1.55 -8.15 -8.80
CA LEU A 162 -2.74 -7.70 -8.08
C LEU A 162 -3.98 -8.58 -8.22
N ASN A 163 -3.95 -9.60 -9.09
CA ASN A 163 -5.10 -10.49 -9.24
C ASN A 163 -4.94 -11.68 -8.30
N SER A 164 -6.03 -12.38 -8.00
CA SER A 164 -6.03 -13.52 -7.08
C SER A 164 -5.06 -14.65 -7.38
N GLU A 165 -4.86 -14.94 -8.67
CA GLU A 165 -3.95 -16.00 -9.10
C GLU A 165 -2.48 -15.60 -8.85
N GLY A 166 -2.09 -14.44 -9.39
CA GLY A 166 -0.73 -13.93 -9.25
C GLY A 166 -0.33 -13.55 -7.83
N ALA A 167 -1.31 -13.11 -7.05
CA ALA A 167 -1.09 -12.74 -5.66
C ALA A 167 -0.79 -14.02 -4.87
N ALA A 168 -1.49 -15.10 -5.23
CA ALA A 168 -1.31 -16.44 -4.63
C ALA A 168 0.07 -17.01 -4.98
N ARG A 169 0.55 -16.72 -6.20
CA ARG A 169 1.88 -17.16 -6.64
C ARG A 169 2.96 -16.42 -5.84
N PHE A 170 2.71 -15.15 -5.53
CA PHE A 170 3.62 -14.30 -4.74
C PHE A 170 3.60 -14.72 -3.28
N ASN A 171 2.40 -15.01 -2.77
CA ASN A 171 2.20 -15.43 -1.38
C ASN A 171 2.85 -16.79 -1.10
N ALA A 172 2.95 -17.63 -2.12
CA ALA A 172 3.58 -18.94 -2.01
C ALA A 172 5.09 -18.78 -1.80
N LYS A 173 5.66 -17.83 -2.55
CA LYS A 173 7.09 -17.53 -2.51
C LYS A 173 7.52 -16.75 -1.26
N TYR A 174 6.67 -15.82 -0.81
CA TYR A 174 6.92 -15.00 0.39
C TYR A 174 5.68 -15.08 1.32
N PRO A 175 5.55 -16.18 2.10
CA PRO A 175 4.41 -16.40 3.02
C PRO A 175 4.34 -15.66 4.36
N GLN A 176 5.43 -15.00 4.75
CA GLN A 176 5.54 -14.28 6.02
C GLN A 176 4.38 -13.31 6.27
N GLY A 177 3.76 -13.54 7.43
CA GLY A 177 2.64 -12.73 7.96
C GLY A 177 1.30 -12.96 7.22
N ILE A 178 1.28 -13.82 6.22
CA ILE A 178 0.03 -14.07 5.45
C ILE A 178 -0.85 -15.07 6.20
N PRO A 179 -2.17 -14.78 6.33
CA PRO A 179 -3.11 -15.68 7.03
C PRO A 179 -3.32 -17.00 6.29
N THR A 180 -3.25 -18.09 7.04
CA THR A 180 -3.44 -19.45 6.51
C THR A 180 -4.90 -19.70 6.19
N SER A 181 -5.77 -18.95 6.86
CA SER A 181 -7.21 -19.01 6.67
C SER A 181 -7.57 -17.91 5.69
N ALA A 182 -8.77 -18.00 5.12
CA ALA A 182 -9.29 -17.03 4.15
C ALA A 182 -9.43 -15.58 4.65
N CYS A 183 -9.77 -15.40 5.93
CA CYS A 183 -10.00 -14.06 6.48
C CYS A 183 -9.60 -13.87 7.97
N GLY A 184 -8.64 -14.65 8.42
CA GLY A 184 -8.17 -14.53 9.80
C GLY A 184 -6.91 -13.70 9.84
N GLU A 185 -6.13 -13.87 10.89
CA GLU A 185 -4.87 -13.14 11.06
C GLU A 185 -3.66 -14.00 10.71
N GLY A 186 -2.52 -13.33 10.51
CA GLY A 186 -1.28 -14.04 10.22
C GLY A 186 -0.36 -13.96 11.44
N ALA A 187 0.80 -14.61 11.37
CA ALA A 187 1.77 -14.59 12.47
C ALA A 187 2.22 -13.15 12.73
N TYR A 188 2.18 -12.73 13.99
CA TYR A 188 2.54 -11.36 14.40
C TYR A 188 3.99 -10.96 14.18
N LYS A 189 4.90 -11.93 14.33
CA LYS A 189 6.33 -11.67 14.17
C LYS A 189 7.04 -12.86 13.50
N VAL A 190 7.55 -12.65 12.29
CA VAL A 190 8.30 -13.69 11.58
C VAL A 190 9.68 -13.16 11.24
N ASN A 191 10.71 -13.91 11.65
CA ASN A 191 12.13 -13.58 11.42
C ASN A 191 12.58 -12.20 11.92
N GLY A 192 12.03 -11.82 13.08
CA GLY A 192 12.35 -10.54 13.70
C GLY A 192 11.56 -9.35 13.19
N VAL A 193 10.70 -9.60 12.21
CA VAL A 193 9.87 -8.55 11.60
C VAL A 193 8.44 -8.66 12.14
N SER A 194 7.93 -7.54 12.66
CA SER A 194 6.56 -7.49 13.16
C SER A 194 5.62 -7.13 12.01
N TYR A 195 4.56 -7.92 11.82
CA TYR A 195 3.59 -7.67 10.74
C TYR A 195 2.28 -7.12 11.25
N TYR A 196 1.79 -6.08 10.57
CA TYR A 196 0.53 -5.41 10.90
C TYR A 196 -0.26 -5.04 9.66
N SER A 197 -1.56 -4.79 9.84
CA SER A 197 -2.41 -4.38 8.73
C SER A 197 -3.67 -3.66 9.16
N TRP A 198 -4.21 -2.86 8.24
CA TRP A 198 -5.47 -2.16 8.40
C TRP A 198 -6.03 -1.84 7.01
N SER A 199 -7.33 -1.53 6.95
CA SER A 199 -8.01 -1.18 5.70
C SER A 199 -9.36 -0.56 6.03
N GLY A 200 -10.11 -0.22 5.00
CA GLY A 200 -11.42 0.36 5.16
C GLY A 200 -12.47 -0.52 4.48
N SER A 201 -13.74 -0.28 4.82
CA SER A 201 -14.84 -1.09 4.27
C SER A 201 -15.91 -0.25 3.56
N SER A 202 -15.68 1.04 3.45
CA SER A 202 -16.71 1.93 2.88
C SER A 202 -16.29 2.58 1.55
N PRO A 203 -16.79 2.08 0.41
CA PRO A 203 -16.47 2.63 -0.92
C PRO A 203 -16.91 4.10 -1.09
N LEU A 204 -18.00 4.48 -0.40
CA LEU A 204 -18.55 5.83 -0.44
C LEU A 204 -18.41 6.47 0.95
N THR A 205 -17.77 7.63 1.00
CA THR A 205 -17.51 8.33 2.28
C THR A 205 -17.77 9.84 2.23
N ASN A 206 -17.39 10.46 1.13
CA ASN A 206 -17.56 11.91 0.94
C ASN A 206 -17.95 12.18 -0.49
N PHE A 207 -19.18 12.68 -0.67
CA PHE A 207 -19.74 12.98 -1.98
C PHE A 207 -19.07 14.17 -2.71
N LEU A 208 -18.23 14.90 -1.98
CA LEU A 208 -17.50 16.04 -2.54
C LEU A 208 -16.21 15.59 -3.22
N ASP A 209 -15.75 14.41 -2.83
CA ASP A 209 -14.53 13.79 -3.38
C ASP A 209 -14.83 13.19 -4.75
N PRO A 210 -14.06 13.60 -5.79
CA PRO A 210 -14.24 13.09 -7.17
C PRO A 210 -13.97 11.59 -7.31
N SER A 211 -13.03 11.08 -6.50
CA SER A 211 -12.64 9.67 -6.55
C SER A 211 -13.71 8.69 -6.04
N ASP A 212 -14.68 9.19 -5.27
CA ASP A 212 -15.79 8.39 -4.74
C ASP A 212 -16.68 7.82 -5.83
N ALA A 213 -16.74 8.50 -6.97
CA ALA A 213 -17.53 8.05 -8.11
C ALA A 213 -16.88 6.81 -8.72
N PHE A 214 -15.55 6.88 -8.87
CA PHE A 214 -14.75 5.79 -9.41
C PHE A 214 -14.77 4.59 -8.45
N LEU A 215 -14.53 4.86 -7.18
CA LEU A 215 -14.51 3.82 -6.15
C LEU A 215 -15.84 3.13 -5.85
N GLY A 216 -16.93 3.87 -6.06
CA GLY A 216 -18.25 3.31 -5.85
C GLY A 216 -18.61 2.38 -7.01
N ALA A 217 -18.24 2.81 -8.22
CA ALA A 217 -18.48 2.08 -9.45
C ALA A 217 -17.65 0.80 -9.52
N SER A 218 -16.40 0.88 -9.06
CA SER A 218 -15.49 -0.25 -9.07
C SER A 218 -15.78 -1.24 -7.95
N SER A 219 -16.54 -0.80 -6.95
CA SER A 219 -16.92 -1.63 -5.81
C SER A 219 -17.89 -2.72 -6.23
N LEU A 220 -18.59 -2.45 -7.34
CA LEU A 220 -19.57 -3.35 -7.92
C LEU A 220 -18.96 -4.60 -8.57
N THR A 221 -17.63 -4.65 -8.58
CA THR A 221 -16.88 -5.80 -9.11
C THR A 221 -16.78 -6.83 -7.97
N PHE A 222 -17.20 -6.40 -6.78
CA PHE A 222 -17.23 -7.23 -5.58
C PHE A 222 -18.68 -7.64 -5.35
N LYS A 223 -18.96 -8.92 -5.57
CA LYS A 223 -20.31 -9.45 -5.37
C LYS A 223 -20.36 -10.36 -4.13
N ASN A 224 -21.59 -10.56 -3.67
CA ASN A 224 -21.91 -11.44 -2.53
C ASN A 224 -21.47 -10.84 -1.18
N GLY A 225 -21.75 -9.55 -1.08
CA GLY A 225 -21.47 -8.67 0.07
C GLY A 225 -20.03 -8.72 0.61
N THR A 226 -19.09 -8.95 -0.30
CA THR A 226 -17.66 -8.97 0.07
C THR A 226 -17.24 -7.54 0.41
N ALA A 227 -16.95 -7.33 1.70
CA ALA A 227 -16.58 -6.02 2.23
C ALA A 227 -15.29 -5.50 1.59
N ASN A 228 -15.36 -4.28 1.08
CA ASN A 228 -14.22 -3.68 0.39
C ASN A 228 -14.11 -2.18 0.53
N ASP A 229 -12.98 -1.65 0.07
CA ASP A 229 -12.70 -0.22 0.10
C ASP A 229 -12.90 0.41 -1.28
N GLY A 230 -13.45 -0.38 -2.20
CA GLY A 230 -13.68 0.08 -3.56
C GLY A 230 -12.80 -0.67 -4.55
N LEU A 231 -11.64 -1.09 -4.08
CA LEU A 231 -10.66 -1.79 -4.93
C LEU A 231 -10.09 -3.03 -4.25
N VAL A 232 -10.08 -3.01 -2.92
CA VAL A 232 -9.49 -4.13 -2.15
C VAL A 232 -10.45 -4.68 -1.09
N GLY A 233 -10.55 -6.00 -1.06
CA GLY A 233 -11.41 -6.67 -0.08
C GLY A 233 -10.77 -6.72 1.29
N THR A 234 -11.59 -6.61 2.33
CA THR A 234 -11.16 -6.63 3.72
C THR A 234 -10.36 -7.89 4.09
N CYS A 235 -10.85 -9.04 3.65
CA CYS A 235 -10.21 -10.34 3.90
C CYS A 235 -8.85 -10.45 3.22
N SER A 236 -8.79 -9.91 2.00
CA SER A 236 -7.58 -9.92 1.18
C SER A 236 -6.49 -9.01 1.77
N SER A 237 -6.91 -8.00 2.54
CA SER A 237 -6.00 -7.03 3.15
C SER A 237 -5.28 -7.45 4.42
N HIS A 238 -5.62 -8.63 4.94
CA HIS A 238 -5.04 -9.14 6.17
C HIS A 238 -3.59 -9.53 6.07
N LEU A 239 -2.82 -9.04 7.03
CA LEU A 239 -1.38 -9.29 7.16
C LEU A 239 -1.01 -9.18 8.64
N GLY A 240 -0.44 -10.26 9.18
CA GLY A 240 -0.13 -10.22 10.63
C GLY A 240 -1.25 -9.87 11.57
N MET A 241 -1.00 -8.84 12.39
CA MET A 241 -1.95 -8.32 13.35
C MET A 241 -2.84 -7.30 12.67
N VAL A 242 -4.13 -7.62 12.62
CA VAL A 242 -5.12 -6.74 12.02
C VAL A 242 -5.58 -5.74 13.08
N ILE A 243 -5.33 -4.44 12.81
CA ILE A 243 -5.74 -3.37 13.71
C ILE A 243 -7.27 -3.25 13.56
N ARG A 244 -7.72 -2.99 12.34
CA ARG A 244 -9.15 -2.90 11.96
C ARG A 244 -9.17 -3.04 10.45
N ASP A 245 -10.05 -3.84 9.90
CA ASP A 245 -10.11 -3.90 8.43
C ASP A 245 -11.38 -3.19 7.98
N ASN A 246 -12.15 -2.72 8.97
CA ASN A 246 -13.44 -2.07 8.78
C ASN A 246 -13.59 -0.56 9.08
N TYR A 247 -12.59 0.23 8.71
CA TYR A 247 -12.72 1.69 8.95
C TYR A 247 -13.72 2.23 7.92
N ARG A 248 -14.37 3.34 8.23
CA ARG A 248 -15.31 3.97 7.30
C ARG A 248 -14.45 4.80 6.32
N MET A 249 -13.70 4.06 5.50
CA MET A 249 -12.76 4.61 4.53
C MET A 249 -12.75 3.87 3.21
N ASN A 250 -12.51 4.60 2.12
CA ASN A 250 -12.38 3.95 0.83
C ASN A 250 -10.88 3.81 0.54
N HIS A 251 -10.54 3.29 -0.64
CA HIS A 251 -9.16 3.10 -1.04
C HIS A 251 -8.28 4.33 -0.94
N LEU A 252 -8.83 5.49 -1.32
CA LEU A 252 -8.09 6.75 -1.28
C LEU A 252 -8.07 7.44 0.07
N ASP A 253 -9.11 7.23 0.89
CA ASP A 253 -9.17 7.82 2.23
C ASP A 253 -8.08 7.24 3.09
N GLU A 254 -7.67 6.01 2.77
CA GLU A 254 -6.60 5.31 3.49
C GLU A 254 -5.28 6.10 3.46
N VAL A 255 -5.12 6.94 2.42
CA VAL A 255 -3.95 7.80 2.27
C VAL A 255 -4.37 9.29 2.31
N ASN A 256 -5.50 9.53 2.96
CA ASN A 256 -6.09 10.87 3.18
C ASN A 256 -6.23 11.65 1.86
N GLN A 257 -6.76 10.95 0.85
CA GLN A 257 -7.00 11.52 -0.48
C GLN A 257 -8.52 11.47 -0.82
N VAL A 258 -9.06 12.37 -1.67
CA VAL A 258 -8.38 13.49 -2.34
C VAL A 258 -8.43 14.74 -1.48
N PHE A 259 -7.24 15.28 -1.21
CA PHE A 259 -7.00 16.50 -0.41
C PHE A 259 -7.64 16.55 0.99
N GLY A 260 -7.68 15.39 1.65
CA GLY A 260 -8.23 15.32 2.99
C GLY A 260 -9.72 15.19 3.11
N LEU A 261 -10.40 14.96 1.98
CA LEU A 261 -11.86 14.78 1.94
C LEU A 261 -12.19 13.32 2.27
N THR A 262 -12.61 13.10 3.51
CA THR A 262 -12.83 11.77 4.07
C THR A 262 -14.21 11.79 4.74
N SER A 263 -14.53 10.73 5.49
CA SER A 263 -15.81 10.66 6.20
C SER A 263 -15.68 11.44 7.50
N LEU A 264 -16.72 12.21 7.82
CA LEU A 264 -16.72 12.99 9.04
C LEU A 264 -17.28 12.18 10.21
N PHE A 265 -17.83 11.01 9.88
CA PHE A 265 -18.40 10.08 10.85
C PHE A 265 -17.35 9.01 11.18
N GLU A 266 -16.10 9.34 10.88
CA GLU A 266 -14.94 8.52 11.20
C GLU A 266 -13.79 9.43 11.60
N THR A 267 -12.84 8.88 12.36
CA THR A 267 -11.66 9.61 12.79
C THR A 267 -10.73 9.81 11.58
N SER A 268 -9.91 10.84 11.64
CA SER A 268 -8.98 11.16 10.56
C SER A 268 -7.95 10.06 10.27
N PRO A 269 -7.74 9.71 8.98
CA PRO A 269 -6.77 8.68 8.55
C PRO A 269 -5.37 9.03 9.04
N VAL A 270 -5.15 10.34 9.19
CA VAL A 270 -3.90 10.90 9.68
C VAL A 270 -3.66 10.43 11.12
N SER A 271 -4.74 10.44 11.91
CA SER A 271 -4.68 10.01 13.31
C SER A 271 -4.37 8.52 13.44
N VAL A 272 -4.84 7.72 12.47
CA VAL A 272 -4.62 6.27 12.46
C VAL A 272 -3.11 5.98 12.31
N TYR A 273 -2.46 6.74 11.42
CA TYR A 273 -1.01 6.64 11.19
C TYR A 273 -0.23 7.10 12.41
N ARG A 274 -0.75 8.11 13.09
CA ARG A 274 -0.12 8.66 14.28
C ARG A 274 -0.22 7.68 15.46
N GLN A 275 -1.36 7.00 15.54
CA GLN A 275 -1.59 6.00 16.59
C GLN A 275 -0.71 4.79 16.30
N HIS A 276 -0.51 4.48 15.01
CA HIS A 276 0.32 3.33 14.65
C HIS A 276 1.80 3.56 14.94
N ALA A 277 2.28 4.77 14.67
CA ALA A 277 3.67 5.11 14.96
C ALA A 277 3.93 5.01 16.47
N ASN A 278 2.92 5.37 17.26
CA ASN A 278 3.00 5.29 18.72
C ASN A 278 3.03 3.83 19.18
N ARG A 279 2.20 3.00 18.54
CA ARG A 279 2.12 1.56 18.83
C ARG A 279 3.47 0.89 18.56
N LEU A 280 4.15 1.34 17.50
CA LEU A 280 5.47 0.82 17.12
C LEU A 280 6.52 1.28 18.13
N LYS A 281 6.37 2.51 18.63
CA LYS A 281 7.29 3.08 19.63
C LYS A 281 7.11 2.31 20.95
N ASN A 282 5.87 1.96 21.27
CA ASN A 282 5.55 1.21 22.49
C ASN A 282 6.02 -0.25 22.40
N ALA A 283 6.18 -0.74 21.16
CA ALA A 283 6.65 -2.10 20.88
C ALA A 283 8.18 -2.08 20.78
N SER A 284 8.74 -0.94 21.18
CA SER A 284 10.20 -0.68 21.24
C SER A 284 10.86 -0.78 19.85
N LEU A 285 10.11 -0.37 18.85
CA LEU A 285 10.59 -0.31 17.45
C LEU A 285 10.58 1.17 17.01
CA CA B . -11.60 10.52 0.02
P1 OCP C . -3.39 -0.22 -5.27
O1 OCP C . -4.08 1.18 -5.46
O4 OCP C . -1.95 -0.30 -5.51
O5 OCP C . -3.77 4.98 -5.71
O6 OCP C . -2.82 5.57 -7.92
O3 OCP C . -5.24 3.66 -8.51
O7 OCP C . -6.80 2.02 -9.63
C1 OCP C . -3.42 2.53 -5.39
C2 OCP C . -3.80 3.58 -6.45
C3 OCP C . -5.27 3.41 -7.06
C4 OCP C . -3.80 -1.69 -6.04
C5 OCP C . -5.35 -1.67 -5.71
C6 OCP C . -6.08 -2.82 -6.63
C7 OCP C . -5.96 -2.53 -8.14
C8 OCP C . -7.00 -2.43 -9.22
C9 OCP C . -6.42 -2.78 -10.66
C10 OCP C . -7.22 -1.65 -11.42
C11 OCP C . -6.43 -0.99 -12.78
C12 OCP C . -6.29 3.19 -9.27
N1 OCP C . -7.05 4.48 -9.84
C13 OCP C . -6.98 4.65 -11.50
C14 OCP C . -7.91 5.89 -11.70
C15 OCP C . -7.63 6.09 -13.11
C16 OCP C . -8.09 6.30 -14.40
C17 OCP C . -8.87 7.31 -15.21
C18 OCP C . -8.12 8.61 -15.50
C19 OCP C . -7.95 8.25 -16.98
C20 OCP C . -7.17 9.32 -17.79
C22 OCP C . -3.22 5.87 -6.75
N2 OCP C . -3.01 7.28 -6.60
C23 OCP C . -3.86 8.85 -6.44
C24 OCP C . -3.80 10.10 -7.21
C25 OCP C . -3.78 10.93 -6.08
C26 OCP C . -3.62 12.42 -6.55
C27 OCP C . -5.03 12.98 -6.21
C28 OCP C . -5.25 14.41 -6.68
C29 OCP C . -5.95 14.21 -8.06
C30 OCP C . -6.21 15.78 -8.63
#